data_5J6W
#
_entry.id   5J6W
#
_entity_poly.entity_id   1
_entity_poly.type   'polypeptide(L)'
_entity_poly.pdbx_seq_one_letter_code
;KIFGAIWPLALGALKNLIK(NH2)
;
_entity_poly.pdbx_strand_id   A
#
# COMPACT_ATOMS: atom_id res chain seq x y z
N LYS A 1 -0.07 -0.85 -15.02
CA LYS A 1 -0.94 -1.06 -16.22
C LYS A 1 -2.36 -0.56 -15.94
N ILE A 2 -3.05 -1.19 -15.03
CA ILE A 2 -4.44 -0.76 -14.71
C ILE A 2 -4.63 -0.66 -13.19
N PHE A 3 -3.62 -0.22 -12.49
CA PHE A 3 -3.74 -0.10 -11.01
C PHE A 3 -3.39 1.32 -10.56
N GLY A 4 -4.34 2.04 -10.04
CA GLY A 4 -4.07 3.44 -9.59
C GLY A 4 -3.17 3.41 -8.34
N ALA A 5 -3.76 3.54 -7.18
CA ALA A 5 -2.96 3.52 -5.92
C ALA A 5 -2.99 2.13 -5.29
N ILE A 6 -2.52 1.14 -6.00
CA ILE A 6 -2.52 -0.25 -5.44
C ILE A 6 -1.12 -0.57 -4.89
N TRP A 7 -0.10 -0.25 -5.63
CA TRP A 7 1.29 -0.56 -5.17
C TRP A 7 1.68 0.35 -3.98
N PRO A 8 1.43 1.64 -4.11
CA PRO A 8 1.78 2.58 -3.01
C PRO A 8 0.87 2.35 -1.80
N LEU A 9 -0.36 1.97 -2.04
CA LEU A 9 -1.30 1.73 -0.90
C LEU A 9 -0.97 0.42 -0.20
N ALA A 10 -0.32 -0.49 -0.88
CA ALA A 10 0.04 -1.79 -0.25
C ALA A 10 0.92 -1.57 0.98
N LEU A 11 2.11 -1.06 0.78
CA LEU A 11 3.03 -0.81 1.94
C LEU A 11 2.40 0.19 2.91
N GLY A 12 1.51 1.02 2.43
CA GLY A 12 0.86 2.02 3.34
C GLY A 12 0.11 1.29 4.45
N ALA A 13 -0.56 0.22 4.13
CA ALA A 13 -1.32 -0.54 5.17
C ALA A 13 -0.38 -1.46 5.95
N LEU A 14 0.76 -1.77 5.39
CA LEU A 14 1.73 -2.66 6.10
C LEU A 14 2.21 -2.01 7.39
N LYS A 15 2.74 -0.83 7.32
CA LYS A 15 3.24 -0.13 8.54
C LYS A 15 2.10 0.03 9.56
N ASN A 16 0.89 0.17 9.09
CA ASN A 16 -0.25 0.32 10.04
C ASN A 16 -0.38 -0.90 10.95
N LEU A 17 0.20 -2.01 10.55
CA LEU A 17 0.12 -3.24 11.40
C LEU A 17 1.42 -3.41 12.19
N ILE A 18 2.52 -3.60 11.52
CA ILE A 18 3.81 -3.77 12.22
C ILE A 18 4.15 -2.52 13.05
N LYS A 19 3.70 -1.37 12.61
CA LYS A 19 4.00 -0.12 13.37
C LYS A 19 2.69 0.55 13.81
N LYS A 1 1.73 -1.16 -15.90
CA LYS A 1 1.07 -0.23 -14.94
C LYS A 1 -0.45 -0.27 -15.12
N ILE A 2 -1.10 -1.24 -14.56
CA ILE A 2 -2.59 -1.33 -14.70
C ILE A 2 -3.28 -0.79 -13.44
N PHE A 3 -2.59 -0.82 -12.33
CA PHE A 3 -3.21 -0.32 -11.06
C PHE A 3 -2.71 1.10 -10.76
N GLY A 4 -3.51 1.89 -10.11
CA GLY A 4 -3.08 3.29 -9.80
C GLY A 4 -2.71 3.42 -8.32
N ALA A 5 -3.68 3.57 -7.45
CA ALA A 5 -3.38 3.70 -6.00
C ALA A 5 -3.43 2.34 -5.30
N ILE A 6 -2.98 1.31 -5.96
CA ILE A 6 -2.99 -0.05 -5.33
C ILE A 6 -1.63 -0.34 -4.68
N TRP A 7 -0.57 0.10 -5.30
CA TRP A 7 0.79 -0.15 -4.74
C TRP A 7 0.98 0.64 -3.43
N PRO A 8 0.64 1.91 -3.44
CA PRO A 8 0.79 2.74 -2.22
C PRO A 8 -0.17 2.26 -1.12
N LEU A 9 -1.29 1.70 -1.51
CA LEU A 9 -2.27 1.21 -0.50
C LEU A 9 -1.81 -0.12 0.09
N ALA A 10 -1.10 -0.91 -0.67
CA ALA A 10 -0.62 -2.22 -0.15
C ALA A 10 0.63 -2.02 0.71
N LEU A 11 1.40 -1.00 0.44
CA LEU A 11 2.63 -0.76 1.25
C LEU A 11 2.32 0.13 2.45
N GLY A 12 1.29 0.92 2.35
CA GLY A 12 0.94 1.82 3.50
C GLY A 12 0.17 1.03 4.55
N ALA A 13 -0.56 0.02 4.15
CA ALA A 13 -1.33 -0.80 5.13
C ALA A 13 -0.39 -1.73 5.90
N LEU A 14 0.72 -2.09 5.31
CA LEU A 14 1.67 -3.00 6.01
C LEU A 14 2.26 -2.31 7.24
N LYS A 15 2.90 -1.18 7.06
CA LYS A 15 3.50 -0.46 8.22
C LYS A 15 2.40 -0.05 9.21
N ASN A 16 1.18 0.08 8.76
CA ASN A 16 0.08 0.47 9.68
C ASN A 16 -0.07 -0.57 10.80
N LEU A 17 0.30 -1.79 10.54
CA LEU A 17 0.17 -2.85 11.59
C LEU A 17 1.47 -2.95 12.38
N ILE A 18 2.54 -3.34 11.73
CA ILE A 18 3.85 -3.47 12.45
C ILE A 18 4.28 -2.11 13.00
N LYS A 19 3.88 -1.05 12.37
CA LYS A 19 4.27 0.31 12.85
C LYS A 19 3.04 1.21 12.96
N LYS A 1 2.17 2.24 -12.47
CA LYS A 1 1.84 2.75 -13.83
C LYS A 1 0.54 2.10 -14.33
N ILE A 2 0.39 0.81 -14.12
CA ILE A 2 -0.85 0.12 -14.58
C ILE A 2 -1.90 0.14 -13.47
N PHE A 3 -1.47 0.05 -12.24
CA PHE A 3 -2.44 0.05 -11.11
C PHE A 3 -2.50 1.44 -10.47
N GLY A 4 -3.69 1.92 -10.17
CA GLY A 4 -3.82 3.27 -9.56
C GLY A 4 -3.17 3.27 -8.17
N ALA A 5 -3.95 3.51 -7.14
CA ALA A 5 -3.39 3.52 -5.76
C ALA A 5 -3.32 2.10 -5.20
N ILE A 6 -2.67 1.21 -5.89
CA ILE A 6 -2.56 -0.20 -5.40
C ILE A 6 -1.22 -0.42 -4.70
N TRP A 7 -0.16 0.07 -5.28
CA TRP A 7 1.18 -0.11 -4.65
C TRP A 7 1.27 0.66 -3.31
N PRO A 8 0.86 1.91 -3.32
CA PRO A 8 0.92 2.72 -2.07
C PRO A 8 -0.10 2.19 -1.06
N LEU A 9 -1.20 1.66 -1.51
CA LEU A 9 -2.23 1.14 -0.57
C LEU A 9 -1.78 -0.19 0.03
N ALA A 10 -0.92 -0.90 -0.65
CA ALA A 10 -0.43 -2.21 -0.12
C ALA A 10 0.63 -1.98 0.96
N LEU A 11 1.77 -1.47 0.59
CA LEU A 11 2.85 -1.22 1.59
C LEU A 11 2.39 -0.19 2.62
N GLY A 12 1.46 0.66 2.26
CA GLY A 12 0.97 1.68 3.22
C GLY A 12 0.25 1.00 4.40
N ALA A 13 -0.60 0.07 4.12
CA ALA A 13 -1.33 -0.64 5.22
C ALA A 13 -0.38 -1.56 5.98
N LEU A 14 0.68 -1.99 5.36
CA LEU A 14 1.65 -2.88 6.05
C LEU A 14 2.23 -2.19 7.29
N LYS A 15 2.95 -1.11 7.10
CA LYS A 15 3.55 -0.38 8.26
C LYS A 15 2.45 0.09 9.21
N ASN A 16 1.26 0.32 8.71
CA ASN A 16 0.15 0.80 9.59
C ASN A 16 -0.12 -0.22 10.70
N LEU A 17 0.17 -1.48 10.45
CA LEU A 17 -0.07 -2.52 11.49
C LEU A 17 1.19 -2.73 12.33
N ILE A 18 2.24 -3.18 11.72
CA ILE A 18 3.51 -3.40 12.49
C ILE A 18 4.01 -2.08 13.08
N LYS A 19 3.72 -0.99 12.45
CA LYS A 19 4.18 0.34 12.96
C LYS A 19 3.02 1.34 12.98
N LYS A 1 0.24 0.77 -14.98
CA LYS A 1 0.18 -0.72 -15.01
C LYS A 1 -1.27 -1.20 -14.88
N ILE A 2 -1.47 -2.46 -14.58
CA ILE A 2 -2.85 -2.98 -14.45
C ILE A 2 -3.56 -2.33 -13.25
N PHE A 3 -2.82 -1.73 -12.36
CA PHE A 3 -3.45 -1.07 -11.17
C PHE A 3 -3.00 0.39 -11.08
N GLY A 4 -3.86 1.24 -10.58
CA GLY A 4 -3.49 2.68 -10.46
C GLY A 4 -2.78 2.93 -9.13
N ALA A 5 -3.44 3.53 -8.18
CA ALA A 5 -2.80 3.80 -6.86
C ALA A 5 -3.00 2.63 -5.90
N ILE A 6 -2.72 1.43 -6.33
CA ILE A 6 -2.90 0.24 -5.45
C ILE A 6 -1.56 -0.09 -4.78
N TRP A 7 -0.47 0.21 -5.43
CA TRP A 7 0.87 -0.09 -4.84
C TRP A 7 1.17 0.85 -3.66
N PRO A 8 0.96 2.14 -3.87
CA PRO A 8 1.23 3.10 -2.77
C PRO A 8 0.19 2.94 -1.66
N LEU A 9 -0.96 2.42 -1.98
CA LEU A 9 -2.02 2.23 -0.93
C LEU A 9 -1.71 0.98 -0.10
N ALA A 10 -1.31 -0.09 -0.73
CA ALA A 10 -1.00 -1.34 0.02
C ALA A 10 0.23 -1.14 0.90
N LEU A 11 1.20 -0.40 0.42
CA LEU A 11 2.44 -0.15 1.24
C LEU A 11 2.08 0.64 2.50
N GLY A 12 1.13 1.54 2.41
CA GLY A 12 0.75 2.34 3.60
C GLY A 12 0.10 1.43 4.64
N ALA A 13 -0.55 0.38 4.21
CA ALA A 13 -1.21 -0.56 5.17
C ALA A 13 -0.16 -1.51 5.77
N LEU A 14 0.97 -1.66 5.14
CA LEU A 14 2.02 -2.57 5.68
C LEU A 14 2.46 -2.10 7.07
N LYS A 15 3.09 -0.96 7.15
CA LYS A 15 3.55 -0.45 8.49
C LYS A 15 2.36 -0.31 9.45
N ASN A 16 1.18 -0.12 8.92
CA ASN A 16 -0.02 0.01 9.81
C ASN A 16 -0.17 -1.23 10.69
N LEU A 17 0.29 -2.36 10.21
CA LEU A 17 0.17 -3.61 11.02
C LEU A 17 1.39 -3.77 11.94
N ILE A 18 2.55 -3.95 11.37
CA ILE A 18 3.78 -4.11 12.19
C ILE A 18 4.01 -2.87 13.05
N LYS A 19 3.56 -1.72 12.59
CA LYS A 19 3.76 -0.47 13.38
C LYS A 19 2.42 0.26 13.54
N LYS A 1 0.55 2.55 -14.80
CA LYS A 1 0.21 2.25 -16.22
C LYS A 1 -1.10 1.45 -16.29
N ILE A 2 -1.24 0.45 -15.47
CA ILE A 2 -2.48 -0.37 -15.49
C ILE A 2 -3.25 -0.23 -14.18
N PHE A 3 -2.60 0.23 -13.14
CA PHE A 3 -3.29 0.39 -11.83
C PHE A 3 -3.12 1.82 -11.31
N GLY A 4 -1.97 2.15 -10.79
CA GLY A 4 -1.75 3.54 -10.26
C GLY A 4 -1.39 3.48 -8.78
N ALA A 5 -2.27 3.95 -7.93
CA ALA A 5 -1.97 3.92 -6.46
C ALA A 5 -2.55 2.65 -5.83
N ILE A 6 -2.44 1.54 -6.51
CA ILE A 6 -2.98 0.27 -5.96
C ILE A 6 -1.86 -0.49 -5.23
N TRP A 7 -0.65 -0.41 -5.73
CA TRP A 7 0.48 -1.11 -5.08
C TRP A 7 0.81 -0.48 -3.72
N PRO A 8 0.94 0.84 -3.69
CA PRO A 8 1.25 1.53 -2.42
C PRO A 8 0.08 1.42 -1.44
N LEU A 9 -1.11 1.23 -1.95
CA LEU A 9 -2.30 1.12 -1.04
C LEU A 9 -2.11 -0.05 -0.06
N ALA A 10 -1.53 -1.12 -0.52
CA ALA A 10 -1.32 -2.29 0.38
C ALA A 10 -0.20 -1.98 1.39
N LEU A 11 0.84 -1.33 0.95
CA LEU A 11 1.97 -1.00 1.87
C LEU A 11 1.48 -0.06 2.98
N GLY A 12 0.47 0.73 2.71
CA GLY A 12 -0.05 1.66 3.75
C GLY A 12 -0.54 0.87 4.95
N ALA A 13 -1.17 -0.25 4.71
CA ALA A 13 -1.68 -1.08 5.84
C ALA A 13 -0.54 -1.89 6.46
N LEU A 14 0.50 -2.15 5.72
CA LEU A 14 1.64 -2.94 6.27
C LEU A 14 2.27 -2.19 7.44
N LYS A 15 2.66 -0.95 7.24
CA LYS A 15 3.29 -0.17 8.34
C LYS A 15 2.30 0.02 9.48
N ASN A 16 1.02 0.00 9.19
CA ASN A 16 0.01 0.18 10.27
C ASN A 16 0.12 -0.95 11.30
N LEU A 17 0.75 -2.04 10.94
CA LEU A 17 0.88 -3.18 11.89
C LEU A 17 2.08 -2.96 12.81
N ILE A 18 3.27 -2.95 12.27
CA ILE A 18 4.49 -2.76 13.11
C ILE A 18 4.68 -1.27 13.42
N LYS A 19 4.37 -0.42 12.48
CA LYS A 19 4.55 1.05 12.71
C LYS A 19 3.19 1.71 12.94
N LYS A 1 1.73 2.17 -14.09
CA LYS A 1 1.51 1.99 -15.56
C LYS A 1 0.20 1.22 -15.81
N ILE A 2 -0.10 0.25 -14.99
CA ILE A 2 -1.35 -0.54 -15.17
C ILE A 2 -2.31 -0.29 -14.01
N PHE A 3 -1.81 0.21 -12.91
CA PHE A 3 -2.70 0.47 -11.73
C PHE A 3 -2.35 1.82 -11.09
N GLY A 4 -3.32 2.48 -10.53
CA GLY A 4 -3.05 3.80 -9.89
C GLY A 4 -2.39 3.60 -8.52
N ALA A 5 -3.05 3.99 -7.47
CA ALA A 5 -2.46 3.83 -6.10
C ALA A 5 -2.77 2.43 -5.54
N ILE A 6 -2.46 1.41 -6.29
CA ILE A 6 -2.75 0.02 -5.81
C ILE A 6 -1.49 -0.56 -5.14
N TRP A 7 -0.34 -0.33 -5.72
CA TRP A 7 0.92 -0.87 -5.12
C TRP A 7 1.20 -0.22 -3.75
N PRO A 8 1.12 1.10 -3.70
CA PRO A 8 1.39 1.80 -2.42
C PRO A 8 0.30 1.47 -1.39
N LEU A 9 -0.88 1.14 -1.84
CA LEU A 9 -1.98 0.81 -0.89
C LEU A 9 -1.61 -0.43 -0.06
N ALA A 10 -0.99 -1.40 -0.67
CA ALA A 10 -0.59 -2.64 0.07
C ALA A 10 0.51 -2.31 1.09
N LEU A 11 1.19 -1.22 0.90
CA LEU A 11 2.28 -0.85 1.86
C LEU A 11 1.73 0.05 2.97
N GLY A 12 0.68 0.76 2.69
CA GLY A 12 0.09 1.66 3.72
C GLY A 12 -0.53 0.83 4.85
N ALA A 13 -0.96 -0.37 4.54
CA ALA A 13 -1.57 -1.23 5.60
C ALA A 13 -0.49 -1.99 6.36
N LEU A 14 0.61 -2.30 5.72
CA LEU A 14 1.70 -3.04 6.40
C LEU A 14 2.29 -2.19 7.54
N LYS A 15 2.54 -0.93 7.28
CA LYS A 15 3.11 -0.05 8.34
C LYS A 15 2.09 0.16 9.46
N ASN A 16 0.83 0.06 9.16
CA ASN A 16 -0.21 0.26 10.22
C ASN A 16 -0.09 -0.81 11.31
N LEU A 17 0.54 -1.91 11.01
CA LEU A 17 0.68 -2.99 12.03
C LEU A 17 2.05 -2.89 12.71
N ILE A 18 3.11 -3.08 11.96
CA ILE A 18 4.48 -3.00 12.58
C ILE A 18 4.82 -1.56 12.94
N LYS A 19 4.26 -0.60 12.24
CA LYS A 19 4.56 0.83 12.54
C LYS A 19 3.28 1.57 12.93
N LYS A 1 0.01 -0.38 -17.41
CA LYS A 1 -0.32 -0.40 -15.96
C LYS A 1 -1.83 -0.22 -15.75
N ILE A 2 -2.55 -1.30 -15.61
CA ILE A 2 -4.03 -1.18 -15.41
C ILE A 2 -4.33 -0.50 -14.07
N PHE A 3 -3.40 -0.50 -13.15
CA PHE A 3 -3.64 0.15 -11.83
C PHE A 3 -2.71 1.36 -11.67
N GLY A 4 -2.51 1.81 -10.46
CA GLY A 4 -1.63 2.99 -10.24
C GLY A 4 -1.56 3.31 -8.74
N ALA A 5 -2.69 3.27 -8.07
CA ALA A 5 -2.70 3.58 -6.62
C ALA A 5 -2.97 2.30 -5.80
N ILE A 6 -2.73 1.15 -6.39
CA ILE A 6 -2.99 -0.12 -5.65
C ILE A 6 -1.71 -0.56 -4.92
N TRP A 7 -0.58 -0.18 -5.42
CA TRP A 7 0.71 -0.57 -4.77
C TRP A 7 1.05 0.40 -3.64
N PRO A 8 0.92 1.69 -3.91
CA PRO A 8 1.21 2.71 -2.87
C PRO A 8 0.20 2.58 -1.72
N LEU A 9 -0.92 1.95 -1.96
CA LEU A 9 -1.93 1.79 -0.88
C LEU A 9 -1.60 0.57 -0.01
N ALA A 10 -0.88 -0.37 -0.55
CA ALA A 10 -0.51 -1.59 0.24
C ALA A 10 0.70 -1.30 1.11
N LEU A 11 1.61 -0.48 0.64
CA LEU A 11 2.82 -0.16 1.45
C LEU A 11 2.42 0.54 2.76
N GLY A 12 1.47 1.44 2.69
CA GLY A 12 1.04 2.16 3.93
C GLY A 12 0.35 1.17 4.87
N ALA A 13 -0.27 0.14 4.33
CA ALA A 13 -0.96 -0.85 5.21
C ALA A 13 0.07 -1.72 5.94
N LEU A 14 1.25 -1.87 5.38
CA LEU A 14 2.29 -2.69 6.03
C LEU A 14 2.66 -2.10 7.40
N LYS A 15 3.18 -0.90 7.42
CA LYS A 15 3.55 -0.27 8.71
C LYS A 15 2.33 -0.11 9.61
N ASN A 16 1.16 -0.07 9.03
CA ASN A 16 -0.08 0.08 9.86
C ASN A 16 -0.22 -1.10 10.82
N LEU A 17 0.30 -2.24 10.46
CA LEU A 17 0.19 -3.44 11.36
C LEU A 17 1.41 -3.50 12.29
N ILE A 18 2.57 -3.67 11.74
CA ILE A 18 3.80 -3.75 12.59
C ILE A 18 3.98 -2.45 13.38
N LYS A 19 3.50 -1.36 12.86
CA LYS A 19 3.64 -0.06 13.57
C LYS A 19 2.29 0.67 13.62
N LYS A 1 -1.03 5.71 -14.43
CA LYS A 1 -2.26 4.94 -14.06
C LYS A 1 -2.24 3.56 -14.75
N ILE A 2 -1.45 2.65 -14.25
CA ILE A 2 -1.40 1.29 -14.87
C ILE A 2 -2.16 0.29 -14.01
N PHE A 3 -2.30 0.55 -12.74
CA PHE A 3 -3.03 -0.39 -11.85
C PHE A 3 -4.10 0.35 -11.04
N GLY A 4 -3.79 1.53 -10.57
CA GLY A 4 -4.79 2.31 -9.78
C GLY A 4 -4.27 2.53 -8.36
N ALA A 5 -3.05 2.99 -8.23
CA ALA A 5 -2.48 3.22 -6.86
C ALA A 5 -2.66 1.98 -5.98
N ILE A 6 -2.32 0.83 -6.49
CA ILE A 6 -2.47 -0.42 -5.70
C ILE A 6 -1.19 -0.71 -4.90
N TRP A 7 -0.10 -0.12 -5.30
CA TRP A 7 1.19 -0.36 -4.58
C TRP A 7 1.34 0.63 -3.42
N PRO A 8 1.06 1.89 -3.67
CA PRO A 8 1.15 2.92 -2.60
C PRO A 8 0.08 2.66 -1.54
N LEU A 9 -0.93 1.88 -1.87
CA LEU A 9 -2.00 1.61 -0.88
C LEU A 9 -1.65 0.37 -0.04
N ALA A 10 -0.89 -0.53 -0.59
CA ALA A 10 -0.52 -1.76 0.17
C ALA A 10 0.62 -1.44 1.16
N LEU A 11 1.44 -0.49 0.84
CA LEU A 11 2.57 -0.13 1.76
C LEU A 11 2.07 0.75 2.90
N GLY A 12 1.08 1.55 2.65
CA GLY A 12 0.53 2.44 3.72
C GLY A 12 -0.07 1.59 4.84
N ALA A 13 -0.82 0.59 4.48
CA ALA A 13 -1.44 -0.28 5.53
C ALA A 13 -0.41 -1.28 6.07
N LEU A 14 0.63 -1.55 5.34
CA LEU A 14 1.66 -2.52 5.80
C LEU A 14 2.26 -2.04 7.13
N LYS A 15 2.85 -0.86 7.14
CA LYS A 15 3.45 -0.35 8.40
C LYS A 15 2.39 -0.13 9.47
N ASN A 16 1.16 0.07 9.07
CA ASN A 16 0.06 0.30 10.05
C ASN A 16 -0.09 -0.93 10.95
N LEU A 17 0.26 -2.10 10.46
CA LEU A 17 0.13 -3.33 11.29
C LEU A 17 1.39 -3.52 12.15
N ILE A 18 2.51 -3.75 11.54
CA ILE A 18 3.77 -3.94 12.32
C ILE A 18 4.13 -2.67 13.08
N LYS A 19 3.70 -1.53 12.57
CA LYS A 19 4.02 -0.25 13.26
C LYS A 19 2.75 0.60 13.40
N LYS A 1 -1.75 2.25 -19.11
CA LYS A 1 -1.70 1.83 -17.68
C LYS A 1 -3.12 1.51 -17.18
N ILE A 2 -3.22 0.70 -16.15
CA ILE A 2 -4.56 0.35 -15.61
C ILE A 2 -4.69 0.77 -14.14
N PHE A 3 -3.60 0.75 -13.41
CA PHE A 3 -3.65 1.15 -11.98
C PHE A 3 -2.61 2.25 -11.70
N GLY A 4 -2.73 2.94 -10.60
CA GLY A 4 -1.76 4.02 -10.28
C GLY A 4 -1.33 3.92 -8.82
N ALA A 5 -2.28 3.80 -7.92
CA ALA A 5 -1.92 3.72 -6.47
C ALA A 5 -2.50 2.44 -5.85
N ILE A 6 -2.44 1.34 -6.57
CA ILE A 6 -2.98 0.06 -6.01
C ILE A 6 -1.88 -0.71 -5.27
N TRP A 7 -0.66 -0.46 -5.64
CA TRP A 7 0.48 -1.18 -4.98
C TRP A 7 0.89 -0.44 -3.70
N PRO A 8 1.01 0.87 -3.78
CA PRO A 8 1.39 1.65 -2.58
C PRO A 8 0.28 1.58 -1.53
N LEU A 9 -0.91 1.21 -1.93
CA LEU A 9 -2.03 1.09 -0.95
C LEU A 9 -1.87 -0.16 -0.10
N ALA A 10 -1.41 -1.23 -0.69
CA ALA A 10 -1.24 -2.50 0.08
C ALA A 10 -0.04 -2.36 1.03
N LEU A 11 1.07 -1.86 0.54
CA LEU A 11 2.26 -1.70 1.41
C LEU A 11 1.96 -0.72 2.56
N GLY A 12 1.05 0.18 2.33
CA GLY A 12 0.70 1.16 3.40
C GLY A 12 0.12 0.43 4.61
N ALA A 13 -0.50 -0.70 4.38
CA ALA A 13 -1.10 -1.47 5.52
C ALA A 13 -0.01 -2.18 6.30
N LEU A 14 1.14 -2.40 5.71
CA LEU A 14 2.24 -3.09 6.44
C LEU A 14 2.66 -2.28 7.67
N LYS A 15 3.08 -1.05 7.47
CA LYS A 15 3.51 -0.22 8.63
C LYS A 15 2.34 -0.01 9.60
N ASN A 16 1.13 -0.08 9.11
CA ASN A 16 -0.05 0.11 10.00
C ASN A 16 -0.06 -0.97 11.09
N LEU A 17 0.56 -2.08 10.86
CA LEU A 17 0.60 -3.16 11.90
C LEU A 17 1.77 -2.94 12.85
N ILE A 18 2.98 -3.04 12.35
CA ILE A 18 4.17 -2.84 13.23
C ILE A 18 4.22 -1.40 13.74
N LYS A 19 3.69 -0.47 12.98
CA LYS A 19 3.72 0.96 13.40
C LYS A 19 2.30 1.55 13.36
N LYS A 1 -0.53 1.67 -15.29
CA LYS A 1 -1.29 1.38 -16.55
C LYS A 1 -2.48 0.48 -16.24
N ILE A 2 -2.37 -0.37 -15.26
CA ILE A 2 -3.50 -1.28 -14.91
C ILE A 2 -4.06 -0.92 -13.53
N PHE A 3 -3.27 -0.32 -12.68
CA PHE A 3 -3.76 0.06 -11.33
C PHE A 3 -3.23 1.44 -10.94
N GLY A 4 -4.08 2.30 -10.43
CA GLY A 4 -3.61 3.65 -10.03
C GLY A 4 -2.82 3.58 -8.73
N ALA A 5 -3.37 4.09 -7.65
CA ALA A 5 -2.64 4.06 -6.36
C ALA A 5 -2.95 2.75 -5.60
N ILE A 6 -2.70 1.63 -6.21
CA ILE A 6 -2.98 0.33 -5.53
C ILE A 6 -1.70 -0.21 -4.90
N TRP A 7 -0.61 -0.17 -5.62
CA TRP A 7 0.68 -0.68 -5.05
C TRP A 7 1.14 0.20 -3.88
N PRO A 8 1.03 1.50 -4.06
CA PRO A 8 1.44 2.44 -2.97
C PRO A 8 0.57 2.23 -1.73
N LEU A 9 -0.69 1.94 -1.94
CA LEU A 9 -1.61 1.72 -0.78
C LEU A 9 -1.28 0.39 -0.10
N ALA A 10 -0.84 -0.58 -0.85
CA ALA A 10 -0.51 -1.91 -0.25
C ALA A 10 0.63 -1.76 0.75
N LEU A 11 1.48 -0.78 0.57
CA LEU A 11 2.62 -0.58 1.51
C LEU A 11 2.13 0.15 2.78
N GLY A 12 1.17 1.02 2.64
CA GLY A 12 0.66 1.75 3.82
C GLY A 12 -0.01 0.77 4.79
N ALA A 13 -0.57 -0.28 4.28
CA ALA A 13 -1.23 -1.29 5.16
C ALA A 13 -0.18 -2.13 5.89
N LEU A 14 0.98 -2.26 5.32
CA LEU A 14 2.06 -3.06 5.98
C LEU A 14 2.45 -2.42 7.31
N LYS A 15 3.07 -1.26 7.26
CA LYS A 15 3.48 -0.59 8.52
C LYS A 15 2.28 -0.43 9.45
N ASN A 16 1.10 -0.30 8.90
CA ASN A 16 -0.12 -0.14 9.77
C ASN A 16 -0.19 -1.28 10.79
N LEU A 17 0.42 -2.40 10.51
CA LEU A 17 0.38 -3.54 11.48
C LEU A 17 1.41 -3.33 12.60
N ILE A 18 2.65 -3.12 12.24
CA ILE A 18 3.70 -2.92 13.27
C ILE A 18 3.66 -1.50 13.84
N LYS A 19 3.24 -0.55 13.04
CA LYS A 19 3.18 0.85 13.54
C LYS A 19 1.96 1.06 14.44
#